data_4KDS
#
_entry.id   4KDS
#
_cell.length_a   58.065
_cell.length_b   56.471
_cell.length_c   59.750
_cell.angle_alpha   90.00
_cell.angle_beta   93.88
_cell.angle_gamma   90.00
#
_symmetry.space_group_name_H-M   'P 1 21 1'
#
loop_
_entity.id
_entity.type
_entity.pdbx_description
1 polymer 'Plasminogen activator inhibitor 1'
2 non-polymer 'SULFATE ION'
3 water water
#
_entity_poly.entity_id   1
_entity_poly.type   'polypeptide(L)'
_entity_poly.pdbx_seq_one_letter_code
;MAHHHHHHSAAISNLQEKQTDFGMRVFSQVAQNSKGSNLAFSPYGVATILAMAQLGAGGNTLKTLNAKLGFSLQERGMAR
QQRLLQRDISSEEGVELASGVMVERKMALEKGFRRGLGKAFQASPHQLDFSRPDQALDIINAWVSDHTAGTIPSFLSSGA
LTDETRMVLLNALHFQGLWKVPFDPKMTEERLFHCANGSSVPVPMMRLTHRFKYGEFVTPDGVDYDVIEVPYEGESLSML
LVSPFEPETPVSSLSSELTTQRLQQWRQEMRSVKRQLVLPRFTLDSEVELKSILIQMGLGDMFNLAKADFTRITTEQPLC
VSKVLQKVKIEVNEEGTKASAATAAILFSRMAVEEITMNRPFLFLIHHKSTGAVLFMGQVNQPQQH
;
_entity_poly.pdbx_strand_id   A
#
# COMPACT_ATOMS: atom_id res chain seq x y z
N ASN A 14 15.55 9.46 4.67
CA ASN A 14 14.73 10.68 4.56
C ASN A 14 13.73 10.69 3.41
N LEU A 15 14.16 10.23 2.24
CA LEU A 15 13.18 10.02 1.18
C LEU A 15 12.13 9.03 1.61
N GLN A 16 12.52 7.93 2.26
CA GLN A 16 11.54 6.93 2.59
C GLN A 16 10.52 7.48 3.60
N GLU A 17 11.02 8.27 4.55
CA GLU A 17 10.12 8.95 5.52
C GLU A 17 9.03 9.76 4.79
N LYS A 18 9.41 10.58 3.81
CA LYS A 18 8.41 11.35 3.07
C LYS A 18 7.46 10.44 2.30
N GLN A 19 7.96 9.34 1.73
CA GLN A 19 7.10 8.45 0.97
C GLN A 19 6.14 7.67 1.85
N THR A 20 6.66 7.17 2.95
CA THR A 20 5.83 6.48 3.93
C THR A 20 4.75 7.40 4.49
N ASP A 21 5.15 8.60 4.90
CA ASP A 21 4.17 9.57 5.38
C ASP A 21 3.05 9.90 4.40
N PHE A 22 3.40 10.10 3.12
CA PHE A 22 2.35 10.32 2.13
C PHE A 22 1.43 9.12 2.00
N GLY A 23 2.00 7.92 1.95
CA GLY A 23 1.21 6.70 1.79
C GLY A 23 0.27 6.51 2.97
N MET A 24 0.72 6.83 4.17
CA MET A 24 -0.19 6.73 5.33
C MET A 24 -1.22 7.86 5.39
N ARG A 25 -0.85 9.04 4.90
CA ARG A 25 -1.82 10.13 4.72
C ARG A 25 -2.96 9.72 3.78
N VAL A 26 -2.67 8.90 2.76
CA VAL A 26 -3.77 8.46 1.89
C VAL A 26 -4.71 7.55 2.69
N PHE A 27 -4.10 6.66 3.49
CA PHE A 27 -4.89 5.76 4.34
C PHE A 27 -5.73 6.56 5.28
N SER A 28 -5.13 7.60 5.86
CA SER A 28 -5.83 8.45 6.82
CA SER A 28 -5.85 8.45 6.82
C SER A 28 -6.95 9.28 6.17
N GLN A 29 -6.74 9.69 4.92
CA GLN A 29 -7.73 10.52 4.25
C GLN A 29 -9.00 9.71 4.02
N VAL A 30 -8.82 8.44 3.63
CA VAL A 30 -9.95 7.51 3.50
C VAL A 30 -10.70 7.42 4.83
N ALA A 31 -9.95 7.26 5.93
CA ALA A 31 -10.59 7.15 7.25
C ALA A 31 -11.41 8.40 7.62
N GLN A 32 -11.04 9.55 7.07
CA GLN A 32 -11.75 10.79 7.39
C GLN A 32 -13.12 10.90 6.75
N ASN A 33 -13.41 10.04 5.76
CA ASN A 33 -14.61 10.21 4.93
C ASN A 33 -15.76 9.26 5.19
N SER A 34 -15.44 7.97 5.09
CA SER A 34 -16.34 6.99 4.47
C SER A 34 -17.56 6.38 5.19
N LYS A 35 -17.49 6.02 6.47
CA LYS A 35 -16.29 6.10 7.31
C LYS A 35 -15.75 4.72 7.64
N GLY A 36 -14.73 4.71 8.49
CA GLY A 36 -13.93 3.52 8.69
C GLY A 36 -12.83 3.55 7.63
N SER A 37 -12.09 2.47 7.50
CA SER A 37 -11.00 2.47 6.54
C SER A 37 -11.13 1.30 5.57
N ASN A 38 -10.30 1.31 4.53
CA ASN A 38 -10.12 0.15 3.71
C ASN A 38 -9.54 -0.93 4.62
N LEU A 39 -9.90 -2.16 4.31
CA LEU A 39 -9.45 -3.35 5.03
C LEU A 39 -7.95 -3.57 4.96
N ALA A 40 -7.36 -3.38 3.77
CA ALA A 40 -5.95 -3.67 3.61
C ALA A 40 -5.36 -2.80 2.52
N PHE A 41 -4.14 -2.36 2.74
CA PHE A 41 -3.61 -1.25 1.95
C PHE A 41 -2.13 -1.32 1.89
N SER A 42 -1.52 -0.86 0.80
CA SER A 42 -0.05 -0.76 0.77
C SER A 42 0.35 0.71 0.55
N PRO A 43 0.84 1.35 1.60
CA PRO A 43 1.32 2.72 1.41
C PRO A 43 2.51 2.77 0.46
N TYR A 44 3.31 1.72 0.51
CA TYR A 44 4.47 1.60 -0.34
C TYR A 44 4.06 1.59 -1.81
N GLY A 45 3.08 0.77 -2.13
CA GLY A 45 2.61 0.71 -3.52
C GLY A 45 2.06 2.02 -4.04
N VAL A 46 1.29 2.75 -3.21
CA VAL A 46 0.71 3.99 -3.71
C VAL A 46 1.75 5.10 -3.86
N ALA A 47 2.69 5.20 -2.91
CA ALA A 47 3.72 6.20 -3.04
C ALA A 47 4.60 5.93 -4.26
N THR A 48 4.88 4.65 -4.51
CA THR A 48 5.72 4.24 -5.64
C THR A 48 5.05 4.59 -6.96
N ILE A 49 3.75 4.32 -7.08
CA ILE A 49 3.08 4.64 -8.34
C ILE A 49 3.03 6.15 -8.58
N LEU A 50 2.79 6.94 -7.54
CA LEU A 50 2.73 8.37 -7.72
C LEU A 50 4.14 8.94 -8.02
N ALA A 51 5.18 8.37 -7.41
CA ALA A 51 6.56 8.75 -7.76
C ALA A 51 6.86 8.46 -9.25
N MET A 52 6.30 7.38 -9.77
CA MET A 52 6.61 7.03 -11.16
C MET A 52 5.92 8.04 -12.04
N ALA A 53 4.69 8.43 -11.66
CA ALA A 53 3.98 9.46 -12.43
C ALA A 53 4.68 10.81 -12.31
N GLN A 54 5.21 11.10 -11.13
CA GLN A 54 5.93 12.35 -10.92
C GLN A 54 7.12 12.53 -11.88
N LEU A 55 7.81 11.44 -12.19
CA LEU A 55 8.96 11.51 -13.09
C LEU A 55 8.55 11.99 -14.50
N GLY A 56 7.27 11.90 -14.84
CA GLY A 56 6.79 12.40 -16.14
C GLY A 56 6.09 13.76 -16.17
N ALA A 57 5.94 14.39 -15.00
CA ALA A 57 5.22 15.64 -14.89
C ALA A 57 6.09 16.87 -15.20
N GLY A 58 5.43 17.96 -15.55
CA GLY A 58 6.10 19.24 -15.79
C GLY A 58 5.20 20.34 -15.27
N GLY A 59 5.65 21.59 -15.36
CA GLY A 59 4.88 22.74 -14.91
C GLY A 59 4.11 22.59 -13.60
N ASN A 60 2.85 23.03 -13.61
CA ASN A 60 2.04 23.05 -12.40
C ASN A 60 1.71 21.67 -11.83
N THR A 61 1.64 20.67 -12.69
CA THR A 61 1.36 19.31 -12.25
C THR A 61 2.52 18.82 -11.43
N LEU A 62 3.74 19.18 -11.84
CA LEU A 62 4.94 18.75 -11.14
C LEU A 62 5.03 19.50 -9.83
N LYS A 63 4.77 20.80 -9.90
CA LYS A 63 4.74 21.69 -8.73
C LYS A 63 3.80 21.16 -7.64
N THR A 64 2.57 20.85 -8.05
CA THR A 64 1.55 20.30 -7.15
C THR A 64 2.00 18.96 -6.58
N LEU A 65 2.53 18.09 -7.45
CA LEU A 65 3.06 16.80 -7.02
C LEU A 65 4.22 16.91 -6.00
N ASN A 66 5.20 17.80 -6.23
CA ASN A 66 6.27 17.98 -5.24
C ASN A 66 5.66 18.45 -3.92
N ALA A 67 4.69 19.35 -4.00
CA ALA A 67 4.08 19.94 -2.81
C ALA A 67 3.26 18.95 -1.98
N LYS A 68 2.38 18.21 -2.63
CA LYS A 68 1.50 17.30 -1.91
C LYS A 68 2.10 15.94 -1.59
N LEU A 69 3.02 15.43 -2.42
CA LEU A 69 3.65 14.15 -2.14
C LEU A 69 4.65 14.38 -1.05
N GLY A 70 5.27 15.55 -1.09
CA GLY A 70 6.23 15.93 -0.06
C GLY A 70 7.63 15.42 -0.35
N PHE A 71 7.81 14.77 -1.49
CA PHE A 71 9.14 14.40 -1.95
C PHE A 71 9.19 14.76 -3.43
N SER A 72 10.39 14.84 -3.99
CA SER A 72 10.54 15.30 -5.37
C SER A 72 11.49 14.38 -6.14
N LEU A 73 10.95 13.41 -6.85
CA LEU A 73 11.84 12.42 -7.43
C LEU A 73 12.69 12.94 -8.59
N GLN A 74 12.32 14.07 -9.16
CA GLN A 74 13.11 14.57 -10.29
C GLN A 74 14.38 15.33 -9.84
N GLU A 75 14.48 15.65 -8.55
CA GLU A 75 15.65 16.39 -8.07
C GLU A 75 16.92 15.55 -8.09
N ARG A 76 18.08 16.21 -8.20
CA ARG A 76 19.34 15.50 -8.41
C ARG A 76 19.65 14.51 -7.30
N GLY A 77 20.07 13.29 -7.67
CA GLY A 77 20.39 12.28 -6.66
C GLY A 77 19.20 11.49 -6.15
N MET A 78 17.98 11.94 -6.43
CA MET A 78 16.82 11.27 -5.85
C MET A 78 16.58 9.91 -6.50
N ALA A 79 16.86 9.78 -7.80
CA ALA A 79 16.59 8.50 -8.45
C ALA A 79 17.53 7.45 -7.89
N ARG A 80 18.78 7.87 -7.66
CA ARG A 80 19.78 6.98 -7.06
C ARG A 80 19.37 6.56 -5.65
N GLN A 81 18.88 7.51 -4.83
CA GLN A 81 18.35 7.13 -3.54
C GLN A 81 17.22 6.15 -3.64
N GLN A 82 16.28 6.41 -4.55
CA GLN A 82 15.13 5.54 -4.68
C GLN A 82 15.61 4.14 -5.01
N ARG A 83 16.59 4.03 -5.91
CA ARG A 83 17.10 2.73 -6.33
C ARG A 83 17.68 2.00 -5.12
N LEU A 84 18.43 2.72 -4.29
CA LEU A 84 19.03 2.10 -3.10
C LEU A 84 17.99 1.64 -2.11
N LEU A 85 16.92 2.43 -1.95
CA LEU A 85 15.85 2.08 -1.02
C LEU A 85 15.17 0.79 -1.48
N GLN A 86 14.90 0.70 -2.78
CA GLN A 86 14.19 -0.48 -3.26
C GLN A 86 15.08 -1.70 -3.14
N ARG A 87 16.36 -1.53 -3.44
CA ARG A 87 17.34 -2.60 -3.31
C ARG A 87 17.38 -3.13 -1.89
N ASP A 88 17.26 -2.23 -0.90
CA ASP A 88 17.37 -2.65 0.49
C ASP A 88 16.15 -3.45 0.89
N ILE A 89 14.98 -2.96 0.51
CA ILE A 89 13.71 -3.56 0.89
C ILE A 89 13.64 -4.96 0.30
N SER A 90 14.03 -5.07 -0.98
CA SER A 90 13.90 -6.30 -1.77
C SER A 90 15.05 -7.26 -1.48
N SER A 91 16.05 -6.79 -0.73
CA SER A 91 17.20 -7.64 -0.38
C SER A 91 16.78 -8.69 0.64
N GLU A 92 15.66 -8.46 1.33
CA GLU A 92 15.16 -9.43 2.29
C GLU A 92 14.69 -10.66 1.53
N GLU A 93 15.14 -11.84 1.96
CA GLU A 93 14.57 -13.09 1.45
C GLU A 93 13.08 -13.06 1.85
N GLY A 94 12.21 -13.37 0.92
CA GLY A 94 10.79 -13.27 1.24
C GLY A 94 10.10 -12.00 0.78
N VAL A 95 10.84 -10.96 0.37
CA VAL A 95 10.15 -9.83 -0.21
C VAL A 95 10.63 -9.54 -1.65
N GLU A 96 9.69 -9.31 -2.58
CA GLU A 96 10.09 -8.97 -3.96
C GLU A 96 9.31 -7.77 -4.41
N LEU A 97 9.96 -6.94 -5.25
CA LEU A 97 9.36 -5.68 -5.73
C LEU A 97 9.58 -5.73 -7.22
N ALA A 98 8.59 -5.26 -8.00
CA ALA A 98 8.76 -5.16 -9.46
C ALA A 98 7.89 -4.00 -9.95
N SER A 99 8.35 -3.33 -11.01
CA SER A 99 7.62 -2.20 -11.56
C SER A 99 7.73 -2.24 -13.08
N GLY A 100 6.81 -1.56 -13.73
CA GLY A 100 6.80 -1.54 -15.20
C GLY A 100 6.02 -0.36 -15.73
N VAL A 101 6.34 0.09 -16.94
CA VAL A 101 5.47 1.03 -17.66
C VAL A 101 4.90 0.34 -18.93
N MET A 102 3.60 0.02 -18.90
CA MET A 102 2.96 -0.65 -20.04
C MET A 102 2.47 0.46 -20.91
N VAL A 103 2.87 0.48 -22.18
CA VAL A 103 2.64 1.69 -22.95
C VAL A 103 2.08 1.30 -24.31
N GLU A 104 1.12 2.09 -24.81
CA GLU A 104 0.66 1.93 -26.19
C GLU A 104 1.85 1.90 -27.16
N ARG A 105 1.91 0.87 -28.01
CA ARG A 105 3.11 0.72 -28.84
C ARG A 105 3.35 1.89 -29.81
N LYS A 106 2.26 2.49 -30.29
CA LYS A 106 2.37 3.60 -31.24
C LYS A 106 2.73 4.94 -30.62
N MET A 107 2.78 4.99 -29.30
CA MET A 107 3.02 6.23 -28.58
C MET A 107 4.48 6.33 -28.09
N ALA A 108 5.28 7.18 -28.74
CA ALA A 108 6.69 7.39 -28.32
C ALA A 108 6.81 7.94 -26.91
N LEU A 109 7.74 7.41 -26.12
CA LEU A 109 8.06 7.99 -24.81
C LEU A 109 9.40 8.67 -24.88
N GLU A 110 9.49 9.81 -24.22
CA GLU A 110 10.76 10.54 -24.08
C GLU A 110 11.81 9.67 -23.38
N LYS A 111 13.04 9.72 -23.88
CA LYS A 111 14.14 8.94 -23.32
C LYS A 111 14.33 9.29 -21.86
N GLY A 112 14.25 10.56 -21.52
CA GLY A 112 14.44 10.94 -20.13
C GLY A 112 13.50 10.27 -19.12
N PHE A 113 12.25 10.10 -19.51
CA PHE A 113 11.25 9.42 -18.68
C PHE A 113 11.58 7.93 -18.57
N ARG A 114 11.83 7.29 -19.71
CA ARG A 114 12.23 5.88 -19.66
C ARG A 114 13.46 5.67 -18.78
N ARG A 115 14.46 6.55 -18.95
CA ARG A 115 15.73 6.38 -18.26
C ARG A 115 15.51 6.52 -16.76
N GLY A 116 14.69 7.50 -16.38
CA GLY A 116 14.44 7.78 -14.97
C GLY A 116 13.68 6.66 -14.33
N LEU A 117 12.67 6.15 -15.05
CA LEU A 117 11.97 4.98 -14.57
C LEU A 117 12.89 3.75 -14.36
N GLY A 118 13.81 3.51 -15.28
CA GLY A 118 14.69 2.36 -15.14
C GLY A 118 15.63 2.53 -13.95
N LYS A 119 16.17 3.74 -13.83
CA LYS A 119 17.17 4.00 -12.80
C LYS A 119 16.56 3.96 -11.39
N ALA A 120 15.44 4.65 -11.22
CA ALA A 120 14.77 4.70 -9.90
C ALA A 120 14.07 3.42 -9.52
N PHE A 121 13.37 2.81 -10.46
CA PHE A 121 12.41 1.77 -10.09
C PHE A 121 12.63 0.44 -10.84
N GLN A 122 13.68 0.37 -11.66
CA GLN A 122 13.90 -0.79 -12.54
C GLN A 122 12.61 -1.08 -13.31
N ALA A 123 11.91 -0.01 -13.67
CA ALA A 123 10.64 -0.17 -14.41
C ALA A 123 10.84 -0.04 -15.89
N SER A 124 10.82 -1.18 -16.56
CA SER A 124 11.10 -1.21 -17.97
C SER A 124 9.79 -1.01 -18.74
N PRO A 125 9.91 -0.58 -19.98
CA PRO A 125 8.68 -0.45 -20.79
C PRO A 125 8.19 -1.80 -21.30
N HIS A 126 6.89 -1.88 -21.51
CA HIS A 126 6.28 -3.08 -22.07
C HIS A 126 5.29 -2.60 -23.08
N GLN A 127 5.50 -2.92 -24.34
CA GLN A 127 4.61 -2.46 -25.42
C GLN A 127 3.30 -3.23 -25.44
N LEU A 128 2.18 -2.50 -25.53
CA LEU A 128 0.88 -3.21 -25.67
C LEU A 128 0.10 -2.61 -26.83
N ASP A 129 -0.73 -3.40 -27.52
CA ASP A 129 -1.63 -2.84 -28.50
C ASP A 129 -3.00 -2.63 -27.84
N PHE A 130 -3.31 -1.38 -27.46
CA PHE A 130 -4.54 -1.16 -26.70
C PHE A 130 -5.77 -1.17 -27.59
N SER A 131 -5.54 -1.34 -28.89
CA SER A 131 -6.64 -1.54 -29.83
C SER A 131 -7.16 -2.97 -29.74
N ARG A 132 -6.43 -3.82 -29.01
CA ARG A 132 -6.93 -5.14 -28.57
C ARG A 132 -6.91 -5.19 -27.06
N PRO A 133 -7.91 -4.56 -26.45
CA PRO A 133 -7.82 -4.32 -25.02
C PRO A 133 -7.92 -5.62 -24.21
N ASP A 134 -8.60 -6.64 -24.75
CA ASP A 134 -8.64 -7.93 -24.03
C ASP A 134 -7.26 -8.61 -23.96
N GLN A 135 -6.49 -8.53 -25.04
CA GLN A 135 -5.15 -9.12 -25.00
C GLN A 135 -4.24 -8.32 -24.08
N ALA A 136 -4.35 -7.01 -24.14
CA ALA A 136 -3.51 -6.14 -23.25
C ALA A 136 -3.84 -6.45 -21.80
N LEU A 137 -5.13 -6.66 -21.53
CA LEU A 137 -5.55 -6.95 -20.15
C LEU A 137 -4.94 -8.28 -19.74
N ASP A 138 -4.93 -9.26 -20.64
CA ASP A 138 -4.38 -10.57 -20.28
C ASP A 138 -2.91 -10.49 -20.03
N ILE A 139 -2.21 -9.68 -20.83
CA ILE A 139 -0.76 -9.54 -20.61
C ILE A 139 -0.43 -8.84 -19.30
N ILE A 140 -1.16 -7.76 -19.00
CA ILE A 140 -0.92 -7.04 -17.75
C ILE A 140 -1.25 -7.97 -16.56
N ASN A 141 -2.35 -8.70 -16.65
CA ASN A 141 -2.72 -9.57 -15.53
C ASN A 141 -1.74 -10.70 -15.35
N ALA A 142 -1.21 -11.25 -16.44
CA ALA A 142 -0.21 -12.28 -16.26
C ALA A 142 1.09 -11.73 -15.64
N TRP A 143 1.48 -10.50 -15.99
CA TRP A 143 2.65 -9.85 -15.40
C TRP A 143 2.45 -9.72 -13.88
N VAL A 144 1.28 -9.22 -13.48
CA VAL A 144 1.01 -9.02 -12.05
C VAL A 144 0.98 -10.39 -11.37
N SER A 145 0.38 -11.39 -12.01
CA SER A 145 0.33 -12.71 -11.40
C SER A 145 1.73 -13.30 -11.17
N ASP A 146 2.62 -13.08 -12.13
CA ASP A 146 3.97 -13.58 -12.04
C ASP A 146 4.77 -12.88 -10.96
N HIS A 147 4.31 -11.71 -10.53
CA HIS A 147 5.09 -10.97 -9.50
C HIS A 147 4.36 -10.95 -8.18
N THR A 148 3.36 -11.83 -8.04
CA THR A 148 2.62 -11.97 -6.77
C THR A 148 2.41 -13.46 -6.43
N ALA A 149 3.27 -14.32 -6.98
CA ALA A 149 3.21 -15.76 -6.69
C ALA A 149 1.84 -16.32 -7.07
N GLY A 150 1.21 -15.71 -8.06
CA GLY A 150 -0.10 -16.18 -8.54
C GLY A 150 -1.26 -15.84 -7.65
N THR A 151 -0.98 -15.11 -6.56
CA THR A 151 -2.01 -14.71 -5.62
C THR A 151 -2.90 -13.58 -6.07
N ILE A 152 -2.44 -12.75 -7.03
CA ILE A 152 -3.31 -11.75 -7.69
C ILE A 152 -3.33 -12.00 -9.19
N PRO A 153 -4.20 -12.92 -9.63
CA PRO A 153 -4.15 -13.32 -11.04
C PRO A 153 -5.04 -12.53 -11.96
N SER A 154 -6.00 -11.77 -11.44
CA SER A 154 -6.89 -11.00 -12.29
C SER A 154 -6.94 -9.57 -11.76
N PHE A 155 -5.78 -8.91 -11.76
CA PHE A 155 -5.69 -7.55 -11.23
C PHE A 155 -6.70 -6.60 -11.88
N LEU A 156 -6.69 -6.51 -13.22
CA LEU A 156 -7.63 -5.70 -13.98
C LEU A 156 -8.84 -6.56 -14.35
N SER A 157 -10.03 -5.97 -14.23
CA SER A 157 -11.24 -6.66 -14.65
C SER A 157 -11.65 -6.18 -16.04
N SER A 158 -12.57 -6.89 -16.68
CA SER A 158 -12.96 -6.55 -18.05
C SER A 158 -13.45 -5.10 -18.13
N GLY A 159 -13.15 -4.43 -19.23
CA GLY A 159 -13.51 -3.02 -19.36
C GLY A 159 -12.60 -1.97 -18.73
N ALA A 160 -11.61 -2.37 -17.90
CA ALA A 160 -10.67 -1.42 -17.32
C ALA A 160 -9.84 -0.71 -18.39
N LEU A 161 -9.55 -1.44 -19.46
CA LEU A 161 -8.82 -0.89 -20.61
C LEU A 161 -9.75 -0.85 -21.78
N THR A 162 -9.53 0.12 -22.67
CA THR A 162 -10.25 0.17 -23.94
C THR A 162 -9.25 0.66 -24.96
N ASP A 163 -9.73 0.93 -26.17
CA ASP A 163 -8.83 1.34 -27.24
C ASP A 163 -8.29 2.76 -27.06
N GLU A 164 -8.77 3.46 -26.03
CA GLU A 164 -8.33 4.84 -25.78
C GLU A 164 -7.24 4.88 -24.71
N THR A 165 -7.05 3.77 -23.99
CA THR A 165 -6.00 3.69 -22.93
C THR A 165 -4.63 3.91 -23.59
N ARG A 166 -3.76 4.66 -22.94
CA ARG A 166 -2.43 4.91 -23.50
C ARG A 166 -1.27 4.37 -22.66
N MET A 167 -1.47 4.24 -21.33
CA MET A 167 -0.36 3.82 -20.47
C MET A 167 -0.91 3.27 -19.17
N VAL A 168 -0.27 2.21 -18.66
CA VAL A 168 -0.49 1.79 -17.28
C VAL A 168 0.86 1.79 -16.59
N LEU A 169 0.98 2.59 -15.55
CA LEU A 169 2.12 2.48 -14.66
C LEU A 169 1.81 1.38 -13.62
N LEU A 170 2.76 0.47 -13.33
CA LEU A 170 2.39 -0.78 -12.61
C LEU A 170 3.46 -1.09 -11.57
N ASN A 171 3.01 -1.50 -10.38
CA ASN A 171 3.94 -1.96 -9.35
C ASN A 171 3.37 -3.20 -8.69
N ALA A 172 4.24 -4.14 -8.28
CA ALA A 172 3.80 -5.34 -7.53
C ALA A 172 4.74 -5.58 -6.35
N LEU A 173 4.18 -5.91 -5.19
CA LEU A 173 4.98 -6.10 -3.97
C LEU A 173 4.54 -7.46 -3.48
N HIS A 174 5.46 -8.32 -3.11
CA HIS A 174 5.07 -9.64 -2.60
C HIS A 174 5.88 -9.92 -1.34
N PHE A 175 5.23 -10.40 -0.25
CA PHE A 175 5.96 -10.68 0.98
C PHE A 175 5.51 -12.03 1.54
N GLN A 176 6.45 -12.89 1.91
CA GLN A 176 6.16 -14.07 2.78
C GLN A 176 7.17 -14.11 3.92
N GLY A 177 6.67 -14.15 5.16
CA GLY A 177 7.58 -14.18 6.29
C GLY A 177 7.06 -15.17 7.31
N LEU A 178 7.96 -15.89 7.98
CA LEU A 178 7.58 -16.75 9.12
C LEU A 178 7.74 -15.96 10.43
N TRP A 179 6.85 -16.17 11.39
CA TRP A 179 7.06 -15.52 12.68
C TRP A 179 8.35 -15.97 13.30
N LYS A 180 9.05 -15.05 13.96
CA LYS A 180 10.21 -15.42 14.76
C LYS A 180 9.84 -16.44 15.83
N VAL A 181 8.70 -16.20 16.49
CA VAL A 181 8.15 -17.16 17.46
C VAL A 181 6.77 -17.56 16.94
N PRO A 182 6.69 -18.74 16.31
CA PRO A 182 5.35 -19.05 15.80
C PRO A 182 4.30 -19.35 16.89
N PHE A 183 3.04 -19.24 16.47
CA PHE A 183 1.93 -19.64 17.34
C PHE A 183 1.79 -21.16 17.28
N ASP A 184 1.35 -21.74 18.39
CA ASP A 184 1.08 -23.18 18.46
C ASP A 184 -0.40 -23.35 18.10
N PRO A 185 -0.69 -24.06 16.99
CA PRO A 185 -2.11 -24.19 16.63
C PRO A 185 -2.98 -24.88 17.69
N LYS A 186 -2.38 -25.65 18.62
CA LYS A 186 -3.16 -26.27 19.69
C LYS A 186 -3.74 -25.23 20.64
N MET A 187 -3.18 -24.03 20.61
CA MET A 187 -3.62 -22.94 21.46
C MET A 187 -4.61 -21.99 20.77
N THR A 188 -4.92 -22.27 19.50
CA THR A 188 -5.87 -21.45 18.76
C THR A 188 -7.27 -21.93 19.09
N GLU A 189 -8.11 -21.02 19.62
CA GLU A 189 -9.42 -21.39 20.09
C GLU A 189 -10.46 -21.01 19.03
N GLU A 190 -11.40 -21.90 18.75
CA GLU A 190 -12.54 -21.62 17.87
C GLU A 190 -13.60 -20.80 18.64
N ARG A 191 -13.55 -19.47 18.49
CA ARG A 191 -14.46 -18.58 19.23
C ARG A 191 -15.67 -18.28 18.37
N LEU A 192 -16.89 -18.50 18.90
CA LEU A 192 -18.08 -18.18 18.08
C LEU A 192 -18.39 -16.68 18.28
N PHE A 193 -18.61 -15.95 17.17
CA PHE A 193 -19.02 -14.54 17.20
C PHE A 193 -20.39 -14.44 16.61
N HIS A 194 -21.30 -13.78 17.30
CA HIS A 194 -22.62 -13.48 16.76
C HIS A 194 -22.54 -12.45 15.63
N CYS A 195 -23.26 -12.69 14.54
CA CYS A 195 -23.27 -11.81 13.37
C CYS A 195 -24.62 -11.08 13.18
N ALA A 196 -24.63 -10.10 12.27
CA ALA A 196 -25.84 -9.30 12.00
C ALA A 196 -27.02 -10.19 11.61
N ASN A 197 -26.77 -11.13 10.71
CA ASN A 197 -27.83 -11.99 10.16
C ASN A 197 -28.39 -12.98 11.16
N GLY A 198 -27.84 -12.99 12.39
CA GLY A 198 -28.37 -13.84 13.45
C GLY A 198 -27.60 -15.16 13.57
N SER A 199 -26.69 -15.37 12.61
CA SER A 199 -25.81 -16.55 12.60
C SER A 199 -24.63 -16.31 13.53
N SER A 200 -24.01 -17.40 13.97
CA SER A 200 -22.71 -17.29 14.65
C SER A 200 -21.67 -17.81 13.69
N VAL A 201 -20.49 -17.22 13.73
CA VAL A 201 -19.38 -17.79 12.96
C VAL A 201 -18.20 -18.06 13.88
N PRO A 202 -17.47 -19.17 13.64
CA PRO A 202 -16.29 -19.47 14.43
C PRO A 202 -15.08 -18.85 13.83
N VAL A 203 -14.32 -18.17 14.67
CA VAL A 203 -13.08 -17.54 14.24
C VAL A 203 -11.96 -18.16 15.04
N PRO A 204 -10.88 -18.59 14.36
CA PRO A 204 -9.76 -19.19 15.11
C PRO A 204 -8.94 -18.08 15.75
N MET A 205 -8.91 -18.00 17.09
CA MET A 205 -8.15 -16.94 17.75
C MET A 205 -6.82 -17.51 18.25
N MET A 206 -5.71 -17.09 17.64
CA MET A 206 -4.40 -17.59 17.97
C MET A 206 -3.95 -16.88 19.26
N ARG A 207 -3.32 -17.62 20.16
CA ARG A 207 -2.90 -17.08 21.41
C ARG A 207 -1.48 -17.54 21.70
N LEU A 208 -0.59 -16.58 21.99
CA LEU A 208 0.77 -16.93 22.30
C LEU A 208 1.28 -16.07 23.45
N THR A 209 1.83 -16.72 24.48
CA THR A 209 2.40 -15.94 25.58
C THR A 209 3.90 -15.96 25.45
N HIS A 210 4.52 -14.77 25.44
CA HIS A 210 5.93 -14.66 25.13
C HIS A 210 6.33 -13.23 25.42
N ARG A 211 7.64 -12.96 25.47
CA ARG A 211 8.09 -11.58 25.65
C ARG A 211 7.97 -10.88 24.30
N PHE A 212 7.25 -9.76 24.28
CA PHE A 212 7.10 -8.97 23.05
C PHE A 212 7.36 -7.51 23.40
N LYS A 213 7.91 -6.76 22.47
CA LYS A 213 8.08 -5.31 22.68
C LYS A 213 6.69 -4.68 22.72
N TYR A 214 6.44 -3.81 23.69
CA TYR A 214 5.08 -3.35 23.94
C TYR A 214 5.10 -1.95 24.56
N GLY A 215 4.09 -1.11 24.28
CA GLY A 215 4.04 0.18 24.98
C GLY A 215 2.63 0.74 24.93
N GLU A 216 2.33 1.63 25.87
CA GLU A 216 1.09 2.40 25.84
C GLU A 216 1.34 3.87 25.49
N PHE A 217 0.41 4.46 24.73
CA PHE A 217 0.61 5.82 24.21
C PHE A 217 -0.71 6.57 24.27
N VAL A 218 -0.65 7.88 24.09
CA VAL A 218 -1.88 8.66 24.00
C VAL A 218 -1.74 9.61 22.82
N THR A 219 -2.84 9.84 22.09
CA THR A 219 -2.84 10.85 21.02
C THR A 219 -2.98 12.28 21.59
N PRO A 220 -2.63 13.30 20.79
CA PRO A 220 -2.77 14.70 21.22
C PRO A 220 -4.21 15.07 21.62
N ASP A 221 -5.18 14.25 21.22
CA ASP A 221 -6.59 14.48 21.58
C ASP A 221 -7.05 13.59 22.73
N GLY A 222 -6.14 12.83 23.34
CA GLY A 222 -6.45 12.14 24.59
C GLY A 222 -6.91 10.70 24.42
N VAL A 223 -6.75 10.15 23.22
CA VAL A 223 -7.11 8.78 22.94
C VAL A 223 -5.99 7.82 23.34
N ASP A 224 -6.29 6.93 24.28
CA ASP A 224 -5.34 5.90 24.72
C ASP A 224 -5.29 4.70 23.85
N TYR A 225 -4.08 4.19 23.61
CA TYR A 225 -3.91 2.99 22.75
C TYR A 225 -2.61 2.28 23.12
N ASP A 226 -2.47 1.03 22.66
CA ASP A 226 -1.21 0.32 22.84
C ASP A 226 -0.70 -0.18 21.51
N VAL A 227 0.58 -0.54 21.50
CA VAL A 227 1.23 -1.06 20.30
C VAL A 227 2.06 -2.22 20.75
N ILE A 228 1.96 -3.32 20.01
CA ILE A 228 2.81 -4.51 20.22
C ILE A 228 3.52 -4.83 18.91
N GLU A 229 4.78 -5.22 19.00
CA GLU A 229 5.55 -5.61 17.78
C GLU A 229 5.65 -7.13 17.74
N VAL A 230 5.32 -7.74 16.59
CA VAL A 230 5.41 -9.18 16.44
C VAL A 230 6.39 -9.41 15.31
N PRO A 231 7.63 -9.81 15.65
CA PRO A 231 8.69 -9.86 14.63
C PRO A 231 8.58 -11.09 13.72
N TYR A 232 9.01 -10.94 12.47
CA TYR A 232 9.27 -12.08 11.60
C TYR A 232 10.72 -12.57 11.76
N GLU A 233 11.01 -13.77 11.29
CA GLU A 233 12.38 -14.28 11.35
C GLU A 233 13.24 -13.29 10.59
N GLY A 234 14.48 -13.09 11.01
CA GLY A 234 15.40 -12.37 10.13
C GLY A 234 15.68 -10.93 10.51
N GLU A 235 15.18 -10.51 11.67
CA GLU A 235 15.49 -9.20 12.25
C GLU A 235 15.08 -7.91 11.51
N SER A 236 14.45 -7.98 10.35
CA SER A 236 14.24 -6.71 9.60
C SER A 236 12.78 -6.36 9.35
N LEU A 237 11.88 -7.35 9.42
CA LEU A 237 10.46 -7.03 9.23
C LEU A 237 9.65 -7.46 10.48
N SER A 238 8.61 -6.68 10.79
CA SER A 238 7.70 -7.01 11.91
CA SER A 238 7.70 -7.01 11.92
C SER A 238 6.30 -6.54 11.60
N MET A 239 5.32 -7.07 12.36
CA MET A 239 3.96 -6.60 12.29
C MET A 239 3.70 -5.81 13.56
N LEU A 240 3.31 -4.54 13.42
CA LEU A 240 2.91 -3.75 14.59
C LEU A 240 1.40 -3.85 14.66
N LEU A 241 0.87 -4.10 15.87
CA LEU A 241 -0.57 -4.14 16.06
C LEU A 241 -0.91 -2.95 16.95
N VAL A 242 -1.78 -2.06 16.46
CA VAL A 242 -2.14 -0.83 17.15
C VAL A 242 -3.58 -0.94 17.64
N SER A 243 -3.81 -0.75 18.93
CA SER A 243 -5.14 -1.05 19.47
C SER A 243 -5.57 0.01 20.49
N PRO A 244 -6.70 0.74 20.22
CA PRO A 244 -7.25 1.70 21.19
C PRO A 244 -7.85 0.99 22.37
N PHE A 245 -7.81 1.62 23.55
CA PHE A 245 -8.42 0.95 24.69
C PHE A 245 -9.93 0.96 24.60
N GLU A 246 -10.49 1.93 23.87
CA GLU A 246 -11.92 1.92 23.59
C GLU A 246 -12.16 1.40 22.19
N PRO A 247 -12.77 0.20 22.04
CA PRO A 247 -12.89 -0.36 20.70
C PRO A 247 -13.81 0.39 19.74
N GLU A 248 -14.71 1.23 20.24
CA GLU A 248 -15.56 2.01 19.33
C GLU A 248 -14.96 3.38 18.94
N THR A 249 -13.65 3.46 18.98
CA THR A 249 -12.91 4.62 18.48
C THR A 249 -12.92 4.62 16.96
N PRO A 250 -13.22 5.78 16.35
CA PRO A 250 -13.09 5.85 14.88
C PRO A 250 -11.65 5.64 14.42
N VAL A 251 -11.44 5.10 13.23
CA VAL A 251 -10.10 4.86 12.73
C VAL A 251 -9.37 6.18 12.58
N SER A 252 -10.12 7.19 12.17
CA SER A 252 -9.63 8.54 11.99
C SER A 252 -9.01 9.12 13.26
N SER A 253 -9.40 8.63 14.43
CA SER A 253 -8.80 9.11 15.68
CA SER A 253 -8.80 9.11 15.66
C SER A 253 -7.35 8.65 15.88
N LEU A 254 -6.93 7.62 15.17
CA LEU A 254 -5.54 7.16 15.30
C LEU A 254 -4.66 7.72 14.16
N SER A 255 -5.24 8.60 13.34
CA SER A 255 -4.59 9.19 12.16
C SER A 255 -3.43 10.13 12.45
N SER A 256 -3.59 11.01 13.43
CA SER A 256 -2.46 11.82 13.88
C SER A 256 -1.23 10.94 14.16
N GLU A 257 -1.45 9.63 14.39
CA GLU A 257 -0.37 8.76 14.88
C GLU A 257 0.42 8.07 13.80
N LEU A 258 -0.14 8.03 12.60
CA LEU A 258 0.44 7.23 11.56
C LEU A 258 1.43 8.07 10.76
N THR A 259 2.55 8.37 11.40
CA THR A 259 3.65 9.02 10.76
C THR A 259 4.95 8.30 11.10
N THR A 260 5.94 8.53 10.26
CA THR A 260 7.25 7.96 10.50
C THR A 260 7.80 8.42 11.84
N GLN A 261 7.69 9.72 12.15
CA GLN A 261 8.15 10.26 13.43
C GLN A 261 7.53 9.55 14.63
N ARG A 262 6.22 9.28 14.55
CA ARG A 262 5.53 8.68 15.72
C ARG A 262 5.85 7.20 15.84
N LEU A 263 5.99 6.53 14.69
CA LEU A 263 6.42 5.11 14.70
C LEU A 263 7.82 5.01 15.38
N GLN A 264 8.71 5.98 15.12
CA GLN A 264 10.07 5.97 15.68
C GLN A 264 9.97 6.20 17.17
N GLN A 265 9.04 7.05 17.56
CA GLN A 265 8.80 7.22 19.00
C GLN A 265 8.30 5.91 19.66
N TRP A 266 7.35 5.22 19.05
CA TRP A 266 6.94 3.92 19.59
C TRP A 266 8.18 3.02 19.77
N ARG A 267 9.03 2.92 18.76
CA ARG A 267 10.19 2.05 18.91
C ARG A 267 11.11 2.43 20.09
N GLN A 268 11.31 3.74 20.31
CA GLN A 268 12.14 4.21 21.39
C GLN A 268 11.62 3.80 22.76
N GLU A 269 10.28 3.71 22.88
CA GLU A 269 9.66 3.51 24.20
C GLU A 269 9.29 2.07 24.47
N MET A 270 8.97 1.33 23.42
CA MET A 270 8.48 -0.04 23.62
C MET A 270 9.55 -0.95 24.24
N ARG A 271 9.19 -1.68 25.28
CA ARG A 271 10.13 -2.59 25.92
C ARG A 271 9.57 -3.98 25.91
N SER A 272 10.48 -4.98 25.89
CA SER A 272 10.03 -6.37 25.92
CA SER A 272 10.05 -6.38 25.92
C SER A 272 9.43 -6.70 27.27
N VAL A 273 8.21 -7.25 27.24
CA VAL A 273 7.51 -7.70 28.43
C VAL A 273 6.72 -8.96 28.12
N LYS A 274 6.50 -9.84 29.09
CA LYS A 274 5.63 -11.02 28.87
C LYS A 274 4.17 -10.61 28.67
N ARG A 275 3.57 -10.99 27.55
CA ARG A 275 2.23 -10.56 27.19
C ARG A 275 1.57 -11.79 26.63
N GLN A 276 0.26 -11.94 26.81
CA GLN A 276 -0.41 -12.89 25.90
C GLN A 276 -0.90 -12.14 24.69
N LEU A 277 -0.33 -12.49 23.53
CA LEU A 277 -0.75 -11.93 22.23
C LEU A 277 -1.90 -12.77 21.71
N VAL A 278 -3.04 -12.11 21.33
CA VAL A 278 -4.19 -12.79 20.70
C VAL A 278 -4.42 -12.16 19.33
N LEU A 279 -4.43 -12.99 18.29
CA LEU A 279 -4.53 -12.46 16.95
C LEU A 279 -5.33 -13.48 16.19
N PRO A 280 -6.39 -13.04 15.49
CA PRO A 280 -7.12 -14.07 14.73
C PRO A 280 -6.27 -14.61 13.58
N ARG A 281 -6.62 -15.82 13.14
CA ARG A 281 -6.08 -16.37 11.89
C ARG A 281 -7.04 -15.83 10.85
N PHE A 282 -6.56 -14.95 9.94
CA PHE A 282 -7.51 -14.28 9.03
C PHE A 282 -6.90 -14.07 7.66
N THR A 283 -7.77 -13.85 6.70
CA THR A 283 -7.35 -13.50 5.34
C THR A 283 -8.15 -12.25 4.92
N LEU A 284 -7.58 -11.39 4.07
CA LEU A 284 -8.31 -10.17 3.66
C LEU A 284 -8.05 -10.06 2.17
N ASP A 285 -9.06 -9.59 1.44
CA ASP A 285 -8.91 -9.26 0.02
C ASP A 285 -9.50 -7.87 -0.15
N SER A 286 -8.73 -6.93 -0.68
CA SER A 286 -9.26 -5.58 -0.78
C SER A 286 -9.00 -5.01 -2.18
N GLU A 287 -9.91 -4.17 -2.66
CA GLU A 287 -9.67 -3.49 -3.94
C GLU A 287 -10.11 -2.03 -3.81
N VAL A 288 -9.25 -1.06 -4.19
CA VAL A 288 -9.64 0.36 -4.00
C VAL A 288 -9.29 1.17 -5.22
N GLU A 289 -10.06 2.19 -5.55
CA GLU A 289 -9.62 3.11 -6.60
C GLU A 289 -9.61 4.49 -5.96
N LEU A 290 -8.50 5.23 -6.12
CA LEU A 290 -8.20 6.36 -5.22
C LEU A 290 -8.25 7.75 -5.85
N LYS A 291 -8.71 7.87 -7.09
CA LYS A 291 -8.85 9.20 -7.70
C LYS A 291 -9.55 10.23 -6.80
N SER A 292 -10.68 9.88 -6.22
CA SER A 292 -11.41 10.96 -5.57
C SER A 292 -10.67 11.39 -4.29
N ILE A 293 -10.02 10.41 -3.64
CA ILE A 293 -9.20 10.66 -2.43
C ILE A 293 -8.03 11.56 -2.77
N LEU A 294 -7.29 11.19 -3.81
CA LEU A 294 -6.19 12.03 -4.28
C LEU A 294 -6.55 13.45 -4.66
N ILE A 295 -7.74 13.64 -5.23
CA ILE A 295 -8.21 14.98 -5.56
C ILE A 295 -8.50 15.77 -4.28
N GLN A 296 -9.02 15.07 -3.29
CA GLN A 296 -9.30 15.67 -1.98
C GLN A 296 -8.00 16.14 -1.31
N MET A 297 -6.91 15.41 -1.56
CA MET A 297 -5.58 15.72 -1.03
C MET A 297 -4.80 16.74 -1.87
N GLY A 298 -5.44 17.31 -2.89
CA GLY A 298 -4.85 18.39 -3.63
C GLY A 298 -4.24 18.08 -4.97
N LEU A 299 -4.31 16.81 -5.40
CA LEU A 299 -3.70 16.37 -6.67
C LEU A 299 -4.64 16.45 -7.87
N GLY A 300 -5.55 17.40 -7.89
CA GLY A 300 -6.54 17.47 -8.96
C GLY A 300 -6.00 17.62 -10.38
N ASP A 301 -4.88 18.34 -10.55
CA ASP A 301 -4.38 18.73 -11.87
C ASP A 301 -3.92 17.55 -12.71
N MET A 302 -3.44 16.50 -12.07
CA MET A 302 -2.95 15.34 -12.82
C MET A 302 -4.07 14.48 -13.39
N PHE A 303 -5.31 14.74 -12.95
CA PHE A 303 -6.49 14.00 -13.38
C PHE A 303 -7.34 14.81 -14.38
N ASN A 304 -6.90 16.02 -14.69
CA ASN A 304 -7.63 16.94 -15.56
C ASN A 304 -6.96 17.03 -16.92
N LEU A 305 -7.62 16.45 -17.91
CA LEU A 305 -7.07 16.40 -19.26
C LEU A 305 -6.73 17.80 -19.79
N ALA A 306 -7.51 18.80 -19.39
CA ALA A 306 -7.31 20.13 -19.93
C ALA A 306 -6.16 20.87 -19.23
N LYS A 307 -5.80 20.42 -18.04
CA LYS A 307 -4.79 21.09 -17.23
C LYS A 307 -3.48 20.30 -17.02
N ALA A 308 -3.57 18.98 -17.01
CA ALA A 308 -2.42 18.15 -16.67
C ALA A 308 -1.19 18.44 -17.58
N ASP A 309 0.01 18.49 -16.97
CA ASP A 309 1.28 18.58 -17.71
C ASP A 309 2.13 17.32 -17.49
N PHE A 310 2.10 16.39 -18.45
CA PHE A 310 2.98 15.22 -18.46
C PHE A 310 3.86 15.28 -19.72
N THR A 311 4.37 16.47 -20.01
CA THR A 311 5.20 16.66 -21.22
C THR A 311 6.57 15.99 -21.06
N ARG A 312 6.89 15.46 -19.89
CA ARG A 312 8.14 14.68 -19.78
C ARG A 312 7.91 13.23 -20.22
N ILE A 313 6.64 12.84 -20.30
CA ILE A 313 6.27 11.51 -20.82
C ILE A 313 6.30 11.60 -22.32
N THR A 314 5.58 12.59 -22.85
CA THR A 314 5.53 12.85 -24.29
C THR A 314 4.96 14.25 -24.56
N THR A 315 5.45 14.90 -25.61
CA THR A 315 4.94 16.20 -26.07
C THR A 315 4.08 16.03 -27.30
N GLU A 316 3.75 14.79 -27.63
CA GLU A 316 3.09 14.47 -28.90
C GLU A 316 1.58 14.36 -28.80
N GLN A 317 1.09 14.07 -27.61
CA GLN A 317 -0.35 14.13 -27.36
C GLN A 317 -0.60 14.41 -25.88
N PRO A 318 -1.78 14.96 -25.55
CA PRO A 318 -2.15 15.26 -24.16
C PRO A 318 -2.30 13.97 -23.37
N LEU A 319 -1.97 14.00 -22.07
CA LEU A 319 -2.12 12.85 -21.22
C LEU A 319 -2.56 13.36 -19.86
N CYS A 320 -3.33 12.53 -19.15
CA CYS A 320 -3.57 12.72 -17.72
C CYS A 320 -3.81 11.36 -17.12
N VAL A 321 -3.82 11.29 -15.79
CA VAL A 321 -4.15 10.06 -15.09
C VAL A 321 -5.65 9.96 -14.91
N SER A 322 -6.18 8.75 -15.04
CA SER A 322 -7.64 8.56 -15.01
CA SER A 322 -7.63 8.56 -15.01
C SER A 322 -8.06 7.84 -13.75
N LYS A 323 -7.30 6.80 -13.39
CA LYS A 323 -7.62 5.95 -12.21
C LYS A 323 -6.36 5.57 -11.51
N VAL A 324 -6.42 5.40 -10.19
CA VAL A 324 -5.30 4.82 -9.44
C VAL A 324 -5.88 3.64 -8.66
N LEU A 325 -5.46 2.43 -9.03
CA LEU A 325 -6.12 1.21 -8.56
C LEU A 325 -5.16 0.42 -7.69
N GLN A 326 -5.63 -0.14 -6.58
CA GLN A 326 -4.78 -1.07 -5.81
C GLN A 326 -5.59 -2.30 -5.40
N LYS A 327 -4.98 -3.48 -5.47
CA LYS A 327 -5.56 -4.71 -4.91
C LYS A 327 -4.58 -5.26 -3.90
N VAL A 328 -5.06 -5.67 -2.74
CA VAL A 328 -4.19 -6.23 -1.70
C VAL A 328 -4.78 -7.57 -1.24
N LYS A 329 -3.90 -8.51 -0.96
CA LYS A 329 -4.26 -9.80 -0.37
C LYS A 329 -3.40 -10.04 0.86
N ILE A 330 -4.00 -10.48 1.98
CA ILE A 330 -3.25 -10.66 3.25
C ILE A 330 -3.69 -11.99 3.84
N GLU A 331 -2.76 -12.84 4.29
CA GLU A 331 -3.08 -14.09 4.98
C GLU A 331 -2.22 -14.15 6.23
N VAL A 332 -2.84 -14.25 7.40
CA VAL A 332 -2.12 -14.29 8.67
C VAL A 332 -2.49 -15.60 9.35
N ASN A 333 -1.48 -16.37 9.81
CA ASN A 333 -1.80 -17.62 10.47
C ASN A 333 -0.72 -17.96 11.48
N GLU A 334 -0.71 -19.22 11.98
CA GLU A 334 0.16 -19.56 13.13
C GLU A 334 1.61 -19.54 12.69
N GLU A 335 1.85 -19.76 11.41
CA GLU A 335 3.22 -19.87 10.95
C GLU A 335 3.82 -18.54 10.53
N GLY A 336 2.99 -17.58 10.08
CA GLY A 336 3.58 -16.35 9.52
C GLY A 336 2.58 -15.52 8.76
N THR A 337 3.04 -14.80 7.74
CA THR A 337 2.12 -13.93 7.01
C THR A 337 2.52 -14.02 5.56
N LYS A 338 1.52 -13.99 4.67
CA LYS A 338 1.77 -13.83 3.22
C LYS A 338 0.92 -12.63 2.76
N ALA A 339 1.51 -11.73 1.97
CA ALA A 339 0.79 -10.53 1.55
C ALA A 339 1.24 -10.08 0.16
N SER A 340 0.30 -9.61 -0.65
CA SER A 340 0.66 -9.09 -1.98
C SER A 340 -0.10 -7.82 -2.24
N ALA A 341 0.52 -6.88 -2.96
CA ALA A 341 -0.20 -5.69 -3.40
C ALA A 341 0.14 -5.39 -4.84
N ALA A 342 -0.86 -5.07 -5.67
CA ALA A 342 -0.56 -4.59 -7.03
C ALA A 342 -1.21 -3.23 -7.12
N THR A 343 -0.49 -2.24 -7.70
CA THR A 343 -1.00 -0.88 -7.77
C THR A 343 -0.74 -0.37 -9.15
N ALA A 344 -1.64 0.49 -9.64
CA ALA A 344 -1.50 1.02 -10.98
C ALA A 344 -2.07 2.39 -11.11
N ALA A 345 -1.49 3.15 -12.01
CA ALA A 345 -2.11 4.39 -12.46
C ALA A 345 -2.44 4.17 -13.93
N ILE A 346 -3.71 4.37 -14.30
CA ILE A 346 -4.12 4.17 -15.71
C ILE A 346 -4.38 5.51 -16.38
N LEU A 347 -3.81 5.70 -17.57
CA LEU A 347 -4.02 6.96 -18.26
C LEU A 347 -4.99 6.67 -19.37
N PHE A 348 -6.24 7.09 -19.14
CA PHE A 348 -7.42 6.88 -19.98
C PHE A 348 -8.08 5.55 -19.65
N SER A 349 -9.12 5.60 -18.80
CA SER A 349 -9.85 4.40 -18.38
C SER A 349 -11.14 4.83 -17.69
N ARG A 350 -12.21 4.03 -17.80
CA ARG A 350 -13.46 4.32 -17.10
C ARG A 350 -13.76 3.32 -15.99
N MET A 351 -12.78 2.54 -15.57
CA MET A 351 -13.11 1.48 -14.62
C MET A 351 -13.67 2.06 -13.33
N ALA A 352 -14.43 1.25 -12.60
CA ALA A 352 -14.99 1.68 -11.34
C ALA A 352 -14.85 0.56 -10.35
N VAL A 353 -14.74 0.91 -9.08
CA VAL A 353 -14.60 -0.08 -8.02
C VAL A 353 -15.60 0.30 -6.94
N GLU A 354 -16.44 -0.65 -6.53
CA GLU A 354 -17.31 -0.39 -5.38
C GLU A 354 -16.49 -0.50 -4.12
N GLU A 355 -16.48 0.55 -3.31
CA GLU A 355 -15.61 0.44 -2.16
C GLU A 355 -16.28 -0.04 -0.90
N ILE A 356 -15.45 -0.67 -0.08
CA ILE A 356 -15.80 -1.35 1.13
C ILE A 356 -14.94 -0.77 2.23
N THR A 357 -15.58 -0.03 3.12
CA THR A 357 -14.89 0.37 4.35
C THR A 357 -15.60 -0.27 5.54
N MET A 358 -14.80 -0.66 6.53
CA MET A 358 -15.35 -1.16 7.77
C MET A 358 -14.84 -0.21 8.86
N ASN A 359 -15.62 -0.04 9.93
CA ASN A 359 -15.22 0.89 10.96
C ASN A 359 -14.78 0.15 12.21
N ARG A 360 -13.57 -0.38 12.15
CA ARG A 360 -12.89 -0.95 13.30
C ARG A 360 -11.46 -0.38 13.36
N PRO A 361 -11.06 0.01 14.56
CA PRO A 361 -9.80 0.75 14.68
C PRO A 361 -8.64 -0.11 15.07
N PHE A 362 -8.77 -1.43 14.98
CA PHE A 362 -7.65 -2.28 15.34
C PHE A 362 -6.80 -2.54 14.12
N LEU A 363 -5.64 -1.91 14.13
CA LEU A 363 -4.81 -1.81 12.92
C LEU A 363 -3.61 -2.73 12.95
N PHE A 364 -3.16 -3.20 11.79
CA PHE A 364 -1.82 -3.78 11.68
C PHE A 364 -0.98 -2.95 10.70
N LEU A 365 0.33 -2.94 10.90
CA LEU A 365 1.29 -2.41 9.93
C LEU A 365 2.41 -3.41 9.77
N ILE A 366 2.81 -3.70 8.53
CA ILE A 366 3.96 -4.53 8.30
C ILE A 366 5.09 -3.57 7.90
N HIS A 367 6.14 -3.54 8.72
CA HIS A 367 7.11 -2.46 8.75
C HIS A 367 8.51 -3.01 8.52
N HIS A 368 9.26 -2.37 7.65
CA HIS A 368 10.67 -2.71 7.43
C HIS A 368 11.55 -1.74 8.22
N LYS A 369 12.18 -2.21 9.31
CA LYS A 369 12.97 -1.35 10.22
C LYS A 369 14.09 -0.48 9.61
N SER A 370 14.97 -1.08 8.83
CA SER A 370 16.10 -0.39 8.22
C SER A 370 15.67 0.91 7.51
N THR A 371 14.62 0.82 6.68
CA THR A 371 14.23 1.97 5.89
C THR A 371 13.09 2.80 6.45
N GLY A 372 12.27 2.20 7.30
CA GLY A 372 11.04 2.84 7.75
C GLY A 372 9.87 2.56 6.85
N ALA A 373 10.08 1.75 5.79
CA ALA A 373 8.95 1.47 4.91
C ALA A 373 7.81 0.74 5.61
N VAL A 374 6.59 1.18 5.33
CA VAL A 374 5.40 0.41 5.72
C VAL A 374 4.88 -0.28 4.45
N LEU A 375 5.08 -1.59 4.40
CA LEU A 375 4.71 -2.38 3.19
C LEU A 375 3.21 -2.61 3.06
N PHE A 376 2.53 -2.84 4.19
CA PHE A 376 1.10 -3.19 4.20
C PHE A 376 0.53 -2.65 5.51
N MET A 377 -0.72 -2.26 5.47
CA MET A 377 -1.43 -1.86 6.71
C MET A 377 -2.88 -2.19 6.49
N GLY A 378 -3.67 -2.26 7.56
CA GLY A 378 -5.09 -2.54 7.38
C GLY A 378 -5.69 -2.90 8.71
N GLN A 379 -6.84 -3.57 8.63
CA GLN A 379 -7.65 -3.85 9.81
C GLN A 379 -7.47 -5.28 10.24
N VAL A 380 -7.41 -5.50 11.55
CA VAL A 380 -7.34 -6.87 12.05
C VAL A 380 -8.77 -7.39 12.03
N ASN A 381 -9.01 -8.29 11.08
CA ASN A 381 -10.32 -8.80 10.71
C ASN A 381 -10.99 -9.67 11.76
N GLN A 382 -11.96 -9.13 12.49
CA GLN A 382 -12.83 -9.96 13.31
C GLN A 382 -14.20 -9.29 13.48
N PRO A 383 -15.29 -10.08 13.54
CA PRO A 383 -16.67 -9.55 13.54
C PRO A 383 -17.06 -8.60 14.71
#